data_5A60
#
_entry.id   5A60
#
_cell.length_a   89.924
_cell.length_b   89.924
_cell.length_c   125.577
_cell.angle_alpha   90.00
_cell.angle_beta   90.00
_cell.angle_gamma   120.00
#
_symmetry.space_group_name_H-M   'P 65'
#
loop_
_entity.id
_entity.type
_entity.pdbx_description
1 polymer 'INORGANIC TRIPHOSPHATASE'
2 non-polymer 'MAGNESIUM ION'
3 non-polymer TRIPHOSPHATE
4 non-polymer 1,2-ETHANEDIOL
5 water water
#
_entity_poly.entity_id   1
_entity_poly.type   'polypeptide(L)'
_entity_poly.pdbx_seq_one_letter_code
;GAMAQEIELKFIVNHSAVEALRDHLNTLGGEHHDPVQLLNIYYETPDNWLRGHDMGLRIRGENGRYEMTMKVAGRVTGGL
HQRPEYNVALSEPTLDLAQLPTEVWPNGELPADLASRVQPLFSTDFYREKWLVAVDDSRIEIALDQGEVKAGEFAEPICE
LELELLSGDTRAVLKLANQLVSQTGLRQGSLSKAARGYHLAQGNPAREIKPTTILHVAAKADVEQGLEAAFELALAQWQY
HEELWVRGNDAAKEQVLAAIGLVRHALMLFGGIVPRKASTHLRDLLTQCEATIASAVSAVTAVYSTETAMAKLALTEWLV
SKAWQPFLDAKAQGKISDSFKRFADIHLSRHAAELKSVFCQPLGDRYHDQLPRLTRDIDSILLLAGYYDPVVAQAWLENW
QGLRHAIATGQRIEIEHFRNEANNQEPFWLHSGKR
;
_entity_poly.pdbx_strand_id   A
#
loop_
_chem_comp.id
_chem_comp.type
_chem_comp.name
_chem_comp.formula
3PO non-polymer TRIPHOSPHATE 'H5 O10 P3'
EDO non-polymer 1,2-ETHANEDIOL 'C2 H6 O2'
MG non-polymer 'MAGNESIUM ION' 'Mg 2'
#
# COMPACT_ATOMS: atom_id res chain seq x y z
N ALA A 2 -1.47 -4.53 -27.73
CA ALA A 2 -1.05 -4.62 -26.30
C ALA A 2 -2.29 -4.48 -25.38
N MET A 3 -2.08 -4.14 -24.12
CA MET A 3 -3.18 -3.90 -23.18
C MET A 3 -3.41 -2.41 -23.03
N ALA A 4 -4.62 -2.05 -22.60
CA ALA A 4 -4.90 -0.70 -22.10
C ALA A 4 -4.30 -0.56 -20.70
N GLN A 5 -4.35 0.64 -20.14
CA GLN A 5 -3.83 0.93 -18.80
C GLN A 5 -4.86 1.71 -18.00
N GLU A 6 -5.35 1.10 -16.89
CA GLU A 6 -6.25 1.80 -15.99
C GLU A 6 -5.47 2.43 -14.85
N ILE A 7 -5.76 3.70 -14.56
CA ILE A 7 -5.19 4.42 -13.42
C ILE A 7 -6.36 4.99 -12.63
N GLU A 8 -6.49 4.57 -11.37
CA GLU A 8 -7.53 5.11 -10.50
C GLU A 8 -7.12 5.08 -9.03
N LEU A 9 -7.61 6.09 -8.31
CA LEU A 9 -7.35 6.27 -6.88
C LEU A 9 -8.62 5.88 -6.12
N LYS A 10 -8.53 4.87 -5.25
CA LYS A 10 -9.69 4.36 -4.51
C LYS A 10 -9.68 4.83 -3.06
N PHE A 11 -10.82 5.35 -2.60
CA PHE A 11 -11.05 5.67 -1.19
C PHE A 11 -12.22 4.86 -0.67
N ILE A 12 -12.01 4.18 0.46
CA ILE A 12 -13.12 3.57 1.19
C ILE A 12 -13.80 4.72 1.95
N VAL A 13 -15.13 4.70 1.94
CA VAL A 13 -15.96 5.77 2.51
C VAL A 13 -16.64 5.24 3.78
N ASN A 14 -16.43 5.94 4.90
CA ASN A 14 -17.13 5.63 6.15
C ASN A 14 -18.62 5.79 5.93
N HIS A 15 -19.41 4.80 6.35
CA HIS A 15 -20.83 4.72 5.94
C HIS A 15 -21.63 6.00 6.26
N SER A 16 -21.43 6.55 7.46
CA SER A 16 -22.12 7.77 7.89
C SER A 16 -21.80 9.03 7.06
N ALA A 17 -20.67 9.02 6.35
CA ALA A 17 -20.21 10.17 5.55
C ALA A 17 -20.71 10.23 4.11
N VAL A 18 -21.47 9.22 3.66
CA VAL A 18 -21.89 9.11 2.26
C VAL A 18 -22.71 10.32 1.77
N GLU A 19 -23.73 10.70 2.54
CA GLU A 19 -24.63 11.80 2.16
C GLU A 19 -23.91 13.13 2.01
N ALA A 20 -23.03 13.44 2.97
CA ALA A 20 -22.23 14.66 2.92
C ALA A 20 -21.23 14.64 1.77
N LEU A 21 -20.70 13.45 1.44
CA LEU A 21 -19.81 13.30 0.29
C LEU A 21 -20.54 13.57 -1.03
N ARG A 22 -21.71 12.95 -1.21
CA ARG A 22 -22.54 13.15 -2.40
C ARG A 22 -22.86 14.64 -2.61
N ASP A 23 -23.22 15.33 -1.52
CA ASP A 23 -23.48 16.78 -1.54
C ASP A 23 -22.28 17.59 -2.00
N HIS A 24 -21.10 17.27 -1.45
CA HIS A 24 -19.86 17.93 -1.82
C HIS A 24 -19.53 17.71 -3.29
N LEU A 25 -19.60 16.45 -3.74
CA LEU A 25 -19.32 16.13 -5.15
C LEU A 25 -20.20 16.92 -6.10
N ASN A 26 -21.45 17.13 -5.71
CA ASN A 26 -22.40 17.93 -6.49
C ASN A 26 -22.11 19.44 -6.57
N THR A 27 -21.15 19.94 -5.79
CA THR A 27 -20.73 21.34 -5.86
C THR A 27 -19.58 21.57 -6.86
N LEU A 28 -19.02 20.50 -7.41
CA LEU A 28 -17.83 20.60 -8.28
C LEU A 28 -18.16 21.00 -9.72
N GLY A 29 -19.43 20.95 -10.10
CA GLY A 29 -19.88 21.39 -11.42
C GLY A 29 -19.51 20.48 -12.57
N GLY A 30 -19.48 19.17 -12.32
CA GLY A 30 -19.24 18.18 -13.37
C GLY A 30 -20.53 17.76 -14.05
N GLU A 31 -20.42 16.88 -15.04
CA GLU A 31 -21.58 16.19 -15.61
C GLU A 31 -21.92 15.01 -14.71
N HIS A 32 -23.12 15.03 -14.15
CA HIS A 32 -23.57 14.05 -13.17
C HIS A 32 -24.52 13.03 -13.78
N HIS A 33 -24.33 11.75 -13.44
CA HIS A 33 -25.26 10.67 -13.79
C HIS A 33 -25.77 9.99 -12.53
N ASP A 34 -27.10 9.82 -12.44
CA ASP A 34 -27.74 9.16 -11.29
C ASP A 34 -27.32 7.68 -11.20
N PRO A 35 -27.44 7.06 -10.00
CA PRO A 35 -26.98 5.67 -9.78
C PRO A 35 -27.49 4.64 -10.79
N VAL A 36 -26.61 3.74 -11.21
CA VAL A 36 -26.97 2.62 -12.08
C VAL A 36 -26.48 1.34 -11.40
N GLN A 37 -27.27 0.27 -11.49
CA GLN A 37 -26.89 -1.01 -10.90
C GLN A 37 -25.90 -1.73 -11.81
N LEU A 38 -24.74 -2.08 -11.25
CA LEU A 38 -23.75 -2.90 -11.93
C LEU A 38 -23.72 -4.26 -11.29
N LEU A 39 -23.98 -5.29 -12.09
CA LEU A 39 -23.98 -6.67 -11.64
C LEU A 39 -22.79 -7.35 -12.28
N ASN A 40 -21.91 -7.92 -11.45
CA ASN A 40 -20.69 -8.56 -11.91
C ASN A 40 -20.57 -9.96 -11.36
N ILE A 41 -20.06 -10.87 -12.19
CA ILE A 41 -19.64 -12.20 -11.75
C ILE A 41 -18.16 -12.36 -12.13
N TYR A 42 -17.35 -12.77 -11.15
CA TYR A 42 -15.93 -13.05 -11.37
C TYR A 42 -15.72 -14.57 -11.45
N TYR A 43 -14.81 -14.98 -12.32
CA TYR A 43 -14.55 -16.39 -12.59
C TYR A 43 -13.16 -16.84 -12.12
N GLU A 44 -13.07 -18.10 -11.69
CA GLU A 44 -11.82 -18.65 -11.15
C GLU A 44 -11.85 -20.20 -11.14
N THR A 45 -10.66 -20.79 -11.20
CA THR A 45 -10.48 -22.25 -11.17
C THR A 45 -10.40 -22.77 -9.71
N PRO A 46 -10.58 -24.09 -9.52
CA PRO A 46 -10.37 -24.65 -8.17
C PRO A 46 -8.96 -24.46 -7.58
N ASP A 47 -7.93 -24.35 -8.41
CA ASP A 47 -6.55 -24.12 -7.93
C ASP A 47 -6.14 -22.63 -7.83
N ASN A 48 -7.10 -21.70 -7.85
CA ASN A 48 -6.83 -20.26 -7.73
C ASN A 48 -5.79 -19.75 -8.74
N TRP A 49 -5.94 -20.17 -10.00
CA TRP A 49 -4.94 -19.89 -11.04
C TRP A 49 -4.83 -18.39 -11.33
N LEU A 50 -5.96 -17.77 -11.66
CA LEU A 50 -5.99 -16.33 -11.98
C LEU A 50 -5.53 -15.46 -10.80
N ARG A 51 -5.96 -15.79 -9.58
CA ARG A 51 -5.52 -15.09 -8.36
C ARG A 51 -4.01 -15.18 -8.13
N GLY A 52 -3.43 -16.32 -8.48
CA GLY A 52 -1.98 -16.55 -8.37
C GLY A 52 -1.12 -15.58 -9.19
N HIS A 53 -1.71 -15.00 -10.23
CA HIS A 53 -1.03 -14.05 -11.12
C HIS A 53 -1.45 -12.60 -10.92
N ASP A 54 -2.16 -12.33 -9.82
CA ASP A 54 -2.79 -11.03 -9.56
C ASP A 54 -3.60 -10.56 -10.76
N MET A 55 -4.45 -11.44 -11.28
CA MET A 55 -5.29 -11.13 -12.44
C MET A 55 -6.73 -11.57 -12.19
N GLY A 56 -7.67 -10.76 -12.66
CA GLY A 56 -9.10 -10.91 -12.35
C GLY A 56 -9.94 -10.88 -13.60
N LEU A 57 -10.91 -11.79 -13.67
CA LEU A 57 -11.76 -11.99 -14.85
C LEU A 57 -13.22 -11.89 -14.45
N ARG A 58 -13.94 -10.96 -15.08
CA ARG A 58 -15.37 -10.78 -14.80
C ARG A 58 -16.21 -10.59 -16.06
N ILE A 59 -17.52 -10.80 -15.91
CA ILE A 59 -18.53 -10.31 -16.85
C ILE A 59 -19.33 -9.27 -16.09
N ARG A 60 -19.43 -8.06 -16.66
CA ARG A 60 -20.22 -6.97 -16.08
C ARG A 60 -21.51 -6.80 -16.85
N GLY A 61 -22.61 -6.66 -16.12
CA GLY A 61 -23.92 -6.35 -16.69
C GLY A 61 -24.36 -4.96 -16.27
N GLU A 62 -24.73 -4.13 -17.24
CA GLU A 62 -25.36 -2.84 -16.97
C GLU A 62 -26.70 -2.79 -17.74
N ASN A 63 -27.77 -3.16 -17.04
CA ASN A 63 -29.13 -3.19 -17.60
C ASN A 63 -29.21 -3.99 -18.92
N GLY A 64 -28.84 -5.26 -18.84
CA GLY A 64 -28.88 -6.17 -19.99
C GLY A 64 -27.82 -5.98 -21.08
N ARG A 65 -26.78 -5.19 -20.79
CA ARG A 65 -25.67 -4.94 -21.72
C ARG A 65 -24.41 -5.49 -21.06
N TYR A 66 -23.67 -6.35 -21.76
CA TYR A 66 -22.59 -7.14 -21.14
C TYR A 66 -21.19 -6.80 -21.63
N GLU A 67 -20.22 -6.96 -20.74
CA GLU A 67 -18.81 -6.65 -21.01
C GLU A 67 -17.91 -7.64 -20.26
N MET A 68 -16.95 -8.24 -20.97
CA MET A 68 -15.93 -9.08 -20.33
C MET A 68 -14.69 -8.25 -20.08
N THR A 69 -14.17 -8.29 -18.86
CA THR A 69 -12.97 -7.52 -18.49
C THR A 69 -11.94 -8.43 -17.83
N MET A 70 -10.71 -8.40 -18.34
CA MET A 70 -9.55 -8.99 -17.68
C MET A 70 -8.64 -7.87 -17.24
N LYS A 71 -8.29 -7.88 -15.95
CA LYS A 71 -7.23 -7.02 -15.42
C LYS A 71 -6.10 -7.94 -15.01
N VAL A 72 -4.87 -7.45 -15.14
CA VAL A 72 -3.68 -8.24 -14.80
C VAL A 72 -2.83 -7.50 -13.78
N ALA A 73 -1.76 -8.16 -13.34
CA ALA A 73 -0.82 -7.64 -12.35
C ALA A 73 -0.35 -6.24 -12.71
N GLY A 74 -0.45 -5.33 -11.75
CA GLY A 74 0.02 -3.97 -11.90
C GLY A 74 0.68 -3.49 -10.63
N ARG A 75 0.45 -2.22 -10.30
CA ARG A 75 1.03 -1.60 -9.13
C ARG A 75 -0.08 -1.01 -8.28
N VAL A 76 0.05 -1.15 -6.96
CA VAL A 76 -0.83 -0.51 -5.99
C VAL A 76 0.06 0.30 -5.04
N THR A 77 -0.15 1.61 -5.01
CA THR A 77 0.63 2.53 -4.19
C THR A 77 -0.36 3.37 -3.40
N GLY A 78 -0.54 3.04 -2.12
CA GLY A 78 -1.61 3.64 -1.33
C GLY A 78 -2.94 3.26 -1.95
N GLY A 79 -3.78 4.26 -2.21
CA GLY A 79 -5.03 4.04 -2.93
C GLY A 79 -4.92 3.98 -4.45
N LEU A 80 -3.73 4.20 -5.01
CA LEU A 80 -3.56 4.34 -6.48
C LEU A 80 -3.32 2.99 -7.15
N HIS A 81 -4.31 2.52 -7.90
CA HIS A 81 -4.23 1.26 -8.64
C HIS A 81 -3.90 1.54 -10.10
N GLN A 82 -2.81 0.94 -10.57
CA GLN A 82 -2.35 1.06 -11.95
C GLN A 82 -2.23 -0.34 -12.53
N ARG A 83 -3.25 -0.75 -13.29
CA ARG A 83 -3.37 -2.14 -13.78
C ARG A 83 -3.56 -2.13 -15.28
N PRO A 84 -2.85 -3.01 -16.00
CA PRO A 84 -3.26 -3.22 -17.40
C PRO A 84 -4.61 -3.94 -17.45
N GLU A 85 -5.42 -3.59 -18.45
CA GLU A 85 -6.72 -4.22 -18.63
C GLU A 85 -7.13 -4.30 -20.07
N TYR A 86 -8.08 -5.18 -20.34
CA TYR A 86 -8.65 -5.32 -21.67
C TYR A 86 -10.14 -5.64 -21.54
N ASN A 87 -10.96 -4.82 -22.19
CA ASN A 87 -12.41 -4.92 -22.14
C ASN A 87 -12.96 -5.38 -23.48
N VAL A 88 -13.94 -6.27 -23.46
CA VAL A 88 -14.58 -6.79 -24.69
C VAL A 88 -16.09 -6.78 -24.53
N ALA A 89 -16.78 -6.14 -25.47
CA ALA A 89 -18.24 -6.13 -25.49
C ALA A 89 -18.77 -7.52 -25.82
N LEU A 90 -19.86 -7.92 -25.14
CA LEU A 90 -20.49 -9.23 -25.32
C LEU A 90 -21.94 -9.08 -25.74
N SER A 91 -22.42 -10.03 -26.54
CA SER A 91 -23.83 -10.08 -26.95
C SER A 91 -24.72 -10.74 -25.89
N GLU A 92 -24.16 -11.66 -25.10
CA GLU A 92 -24.85 -12.24 -23.93
C GLU A 92 -23.83 -12.63 -22.84
N PRO A 93 -24.28 -12.93 -21.60
CA PRO A 93 -23.33 -13.16 -20.50
C PRO A 93 -22.66 -14.54 -20.56
N THR A 94 -21.70 -14.67 -21.48
CA THR A 94 -20.91 -15.89 -21.66
C THR A 94 -19.49 -15.48 -22.03
N LEU A 95 -18.50 -16.09 -21.36
CA LEU A 95 -17.09 -15.76 -21.60
C LEU A 95 -16.65 -16.15 -23.00
N ASP A 96 -15.80 -15.31 -23.61
CA ASP A 96 -15.14 -15.61 -24.88
C ASP A 96 -13.65 -15.29 -24.75
N LEU A 97 -12.92 -16.23 -24.16
CA LEU A 97 -11.50 -16.05 -23.83
C LEU A 97 -10.60 -15.86 -25.05
N ALA A 98 -11.04 -16.36 -26.21
CA ALA A 98 -10.36 -16.15 -27.49
C ALA A 98 -10.28 -14.69 -27.95
N GLN A 99 -11.18 -13.82 -27.47
CA GLN A 99 -11.16 -12.40 -27.85
C GLN A 99 -10.03 -11.58 -27.20
N LEU A 100 -9.49 -12.05 -26.08
CA LEU A 100 -8.42 -11.34 -25.38
C LEU A 100 -7.10 -11.54 -26.11
N PRO A 101 -6.23 -10.50 -26.16
CA PRO A 101 -4.91 -10.70 -26.79
C PRO A 101 -4.04 -11.71 -26.03
N THR A 102 -3.05 -12.27 -26.73
CA THR A 102 -2.18 -13.30 -26.16
C THR A 102 -1.30 -12.80 -25.00
N GLU A 103 -1.01 -11.49 -25.01
CA GLU A 103 -0.17 -10.85 -23.98
C GLU A 103 -0.81 -10.82 -22.58
N VAL A 104 -2.12 -11.06 -22.51
CA VAL A 104 -2.82 -11.31 -21.24
C VAL A 104 -2.22 -12.50 -20.49
N TRP A 105 -1.90 -13.56 -21.24
CA TRP A 105 -1.50 -14.84 -20.67
C TRP A 105 0.00 -14.83 -20.38
N PRO A 106 0.43 -15.42 -19.23
CA PRO A 106 1.87 -15.51 -18.95
C PRO A 106 2.68 -16.28 -20.00
N ASN A 107 2.11 -17.35 -20.54
CA ASN A 107 2.77 -18.18 -21.57
C ASN A 107 2.51 -17.74 -23.02
N GLY A 108 1.76 -16.65 -23.22
CA GLY A 108 1.36 -16.21 -24.56
C GLY A 108 0.36 -17.13 -25.23
N GLU A 109 -0.38 -17.87 -24.42
CA GLU A 109 -1.34 -18.88 -24.90
C GLU A 109 -2.32 -19.19 -23.78
N LEU A 110 -3.62 -19.18 -24.10
CA LEU A 110 -4.65 -19.53 -23.12
C LEU A 110 -4.52 -21.02 -22.79
N PRO A 111 -4.45 -21.38 -21.48
CA PRO A 111 -4.39 -22.79 -21.11
C PRO A 111 -5.57 -23.58 -21.69
N ALA A 112 -5.27 -24.77 -22.22
CA ALA A 112 -6.26 -25.60 -22.92
C ALA A 112 -7.59 -25.76 -22.18
N ASP A 113 -7.50 -26.02 -20.88
CA ASP A 113 -8.68 -26.34 -20.05
C ASP A 113 -9.26 -25.17 -19.23
N LEU A 114 -8.81 -23.94 -19.50
CA LEU A 114 -9.21 -22.78 -18.69
C LEU A 114 -10.71 -22.50 -18.78
N ALA A 115 -11.23 -22.46 -20.00
CA ALA A 115 -12.67 -22.26 -20.23
C ALA A 115 -13.52 -23.37 -19.57
N SER A 116 -13.01 -24.60 -19.57
CA SER A 116 -13.73 -25.74 -19.02
C SER A 116 -13.78 -25.75 -17.49
N ARG A 117 -12.70 -25.32 -16.83
CA ARG A 117 -12.59 -25.45 -15.37
C ARG A 117 -12.90 -24.18 -14.55
N VAL A 118 -13.13 -23.03 -15.21
CA VAL A 118 -13.56 -21.81 -14.48
C VAL A 118 -15.00 -21.92 -13.99
N GLN A 119 -15.21 -21.50 -12.74
CA GLN A 119 -16.53 -21.45 -12.12
C GLN A 119 -16.78 -20.03 -11.63
N PRO A 120 -18.06 -19.63 -11.45
CA PRO A 120 -18.32 -18.37 -10.77
C PRO A 120 -17.86 -18.46 -9.31
N LEU A 121 -16.91 -17.61 -8.92
CA LEU A 121 -16.35 -17.64 -7.56
C LEU A 121 -17.01 -16.63 -6.64
N PHE A 122 -17.25 -15.41 -7.15
CA PHE A 122 -17.94 -14.39 -6.38
C PHE A 122 -18.57 -13.34 -7.29
N SER A 123 -19.44 -12.54 -6.69
CA SER A 123 -20.12 -11.46 -7.40
C SER A 123 -19.88 -10.13 -6.70
N THR A 124 -20.07 -9.05 -7.46
CA THR A 124 -20.23 -7.72 -6.88
C THR A 124 -21.50 -7.12 -7.45
N ASP A 125 -22.38 -6.66 -6.57
CA ASP A 125 -23.66 -6.04 -6.92
C ASP A 125 -23.66 -4.70 -6.21
N PHE A 126 -23.55 -3.62 -6.98
CA PHE A 126 -23.55 -2.28 -6.40
C PHE A 126 -24.11 -1.25 -7.35
N TYR A 127 -24.61 -0.16 -6.76
CA TYR A 127 -25.09 0.99 -7.51
C TYR A 127 -23.93 1.98 -7.63
N ARG A 128 -23.66 2.43 -8.86
CA ARG A 128 -22.59 3.40 -9.14
C ARG A 128 -23.19 4.74 -9.58
N GLU A 129 -22.86 5.80 -8.84
CA GLU A 129 -23.20 7.17 -9.21
C GLU A 129 -21.94 7.85 -9.74
N LYS A 130 -22.07 8.65 -10.79
CA LYS A 130 -20.89 9.20 -11.51
C LYS A 130 -20.90 10.73 -11.71
N TRP A 131 -19.70 11.31 -11.61
CA TRP A 131 -19.46 12.71 -11.96
C TRP A 131 -18.23 12.77 -12.88
N LEU A 132 -18.38 13.38 -14.05
CA LEU A 132 -17.25 13.61 -14.96
C LEU A 132 -16.74 15.03 -14.73
N VAL A 133 -15.45 15.15 -14.41
CA VAL A 133 -14.84 16.47 -14.17
C VAL A 133 -13.54 16.66 -14.96
N ALA A 134 -13.24 17.93 -15.23
CA ALA A 134 -12.01 18.33 -15.90
C ALA A 134 -11.07 18.97 -14.87
N VAL A 135 -9.84 18.49 -14.83
CA VAL A 135 -8.80 19.06 -13.97
C VAL A 135 -7.61 19.35 -14.86
N ASP A 136 -7.34 20.64 -15.08
CA ASP A 136 -6.30 21.09 -16.01
C ASP A 136 -6.58 20.49 -17.39
N ASP A 137 -5.63 19.76 -18.00
CA ASP A 137 -5.85 19.10 -19.29
C ASP A 137 -6.25 17.62 -19.16
N SER A 138 -6.64 17.19 -17.96
CA SER A 138 -7.03 15.81 -17.71
C SER A 138 -8.55 15.72 -17.50
N ARG A 139 -9.09 14.55 -17.81
CA ARG A 139 -10.51 14.23 -17.58
C ARG A 139 -10.58 13.05 -16.62
N ILE A 140 -11.42 13.18 -15.59
CA ILE A 140 -11.51 12.19 -14.51
C ILE A 140 -12.97 11.80 -14.27
N GLU A 141 -13.24 10.50 -14.18
CA GLU A 141 -14.55 9.97 -13.84
C GLU A 141 -14.55 9.63 -12.35
N ILE A 142 -15.36 10.36 -11.57
CA ILE A 142 -15.57 10.09 -10.15
C ILE A 142 -16.72 9.11 -10.02
N ALA A 143 -16.50 7.99 -9.32
CA ALA A 143 -17.52 6.97 -9.11
C ALA A 143 -17.75 6.74 -7.62
N LEU A 144 -19.01 6.81 -7.18
CA LEU A 144 -19.42 6.47 -5.82
C LEU A 144 -20.19 5.14 -5.88
N ASP A 145 -19.64 4.11 -5.25
CA ASP A 145 -20.15 2.74 -5.32
C ASP A 145 -20.70 2.28 -3.97
N GLN A 146 -21.93 1.74 -3.97
CA GLN A 146 -22.53 1.22 -2.74
C GLN A 146 -23.30 -0.07 -3.02
N GLY A 147 -22.99 -1.10 -2.26
CA GLY A 147 -23.60 -2.41 -2.44
C GLY A 147 -22.88 -3.51 -1.67
N GLU A 148 -22.65 -4.65 -2.32
CA GLU A 148 -22.03 -5.82 -1.68
C GLU A 148 -21.03 -6.52 -2.60
N VAL A 149 -20.06 -7.20 -1.98
CA VAL A 149 -19.24 -8.22 -2.64
C VAL A 149 -19.57 -9.51 -1.89
N LYS A 150 -19.82 -10.59 -2.64
CA LYS A 150 -20.41 -11.80 -2.08
C LYS A 150 -19.82 -13.06 -2.71
N ALA A 151 -19.36 -13.97 -1.86
CA ALA A 151 -18.90 -15.31 -2.25
C ALA A 151 -19.71 -16.32 -1.44
N GLY A 152 -20.79 -16.82 -2.04
CA GLY A 152 -21.70 -17.75 -1.34
C GLY A 152 -22.31 -17.15 -0.09
N GLU A 153 -22.05 -17.78 1.05
CA GLU A 153 -22.51 -17.31 2.36
C GLU A 153 -21.84 -16.00 2.80
N PHE A 154 -20.59 -15.80 2.40
CA PHE A 154 -19.75 -14.73 2.92
C PHE A 154 -19.83 -13.48 2.06
N ALA A 155 -20.26 -12.38 2.68
CA ALA A 155 -20.39 -11.10 2.01
C ALA A 155 -19.87 -9.99 2.91
N GLU A 156 -19.47 -8.88 2.30
CA GLU A 156 -19.17 -7.66 3.04
C GLU A 156 -19.61 -6.44 2.22
N PRO A 157 -19.82 -5.29 2.90
CA PRO A 157 -20.30 -4.09 2.21
C PRO A 157 -19.29 -3.49 1.25
N ILE A 158 -19.79 -2.89 0.17
CA ILE A 158 -19.04 -1.98 -0.68
C ILE A 158 -19.55 -0.57 -0.39
N CYS A 159 -18.64 0.33 -0.05
CA CYS A 159 -18.95 1.74 0.13
C CYS A 159 -17.68 2.51 -0.15
N GLU A 160 -17.49 2.91 -1.40
CA GLU A 160 -16.20 3.47 -1.82
C GLU A 160 -16.30 4.50 -2.94
N LEU A 161 -15.22 5.26 -3.10
CA LEU A 161 -15.12 6.34 -4.08
C LEU A 161 -13.90 6.07 -4.95
N GLU A 162 -14.05 6.18 -6.27
CA GLU A 162 -12.93 6.01 -7.20
C GLU A 162 -12.77 7.25 -8.06
N LEU A 163 -11.53 7.70 -8.24
CA LEU A 163 -11.21 8.77 -9.18
C LEU A 163 -10.41 8.13 -10.31
N GLU A 164 -11.07 7.82 -11.44
CA GLU A 164 -10.38 7.19 -12.58
C GLU A 164 -9.91 8.24 -13.57
N LEU A 165 -8.63 8.14 -13.95
CA LEU A 165 -8.06 8.99 -14.99
C LEU A 165 -8.47 8.47 -16.37
N LEU A 166 -9.35 9.19 -17.06
CA LEU A 166 -9.76 8.84 -18.42
C LEU A 166 -8.67 9.22 -19.42
N SER A 167 -8.12 10.42 -19.25
CA SER A 167 -6.94 10.86 -19.99
C SER A 167 -6.23 11.97 -19.24
N GLY A 168 -4.96 12.16 -19.59
CA GLY A 168 -4.14 13.23 -19.03
C GLY A 168 -3.09 12.70 -18.08
N ASP A 169 -2.93 13.39 -16.94
CA ASP A 169 -1.80 13.18 -16.03
C ASP A 169 -2.28 12.64 -14.69
N THR A 170 -1.46 11.78 -14.07
CA THR A 170 -1.72 11.27 -12.72
C THR A 170 -1.71 12.39 -11.67
N ARG A 171 -0.91 13.44 -11.89
CA ARG A 171 -0.92 14.62 -11.01
C ARG A 171 -2.29 15.26 -10.85
N ALA A 172 -3.11 15.24 -11.91
CA ALA A 172 -4.48 15.76 -11.86
C ALA A 172 -5.38 14.98 -10.89
N VAL A 173 -5.19 13.66 -10.85
CA VAL A 173 -5.93 12.79 -9.92
C VAL A 173 -5.55 13.13 -8.48
N LEU A 174 -4.25 13.31 -8.23
CA LEU A 174 -3.74 13.68 -6.91
C LEU A 174 -4.17 15.11 -6.50
N LYS A 175 -4.23 16.02 -7.47
CA LYS A 175 -4.76 17.37 -7.23
C LYS A 175 -6.23 17.33 -6.79
N LEU A 176 -7.05 16.54 -7.49
CA LEU A 176 -8.47 16.40 -7.15
C LEU A 176 -8.66 15.81 -5.74
N ALA A 177 -7.89 14.78 -5.44
CA ALA A 177 -7.90 14.13 -4.11
C ALA A 177 -7.62 15.12 -2.98
N ASN A 178 -6.67 16.02 -3.19
CA ASN A 178 -6.35 17.07 -2.20
C ASN A 178 -7.54 17.93 -1.76
N GLN A 179 -8.45 18.23 -2.68
CA GLN A 179 -9.68 18.95 -2.33
C GLN A 179 -10.62 18.11 -1.46
N LEU A 180 -10.73 16.82 -1.77
CA LEU A 180 -11.70 15.94 -1.12
C LEU A 180 -11.33 15.52 0.31
N VAL A 181 -10.04 15.38 0.63
CA VAL A 181 -9.64 14.99 2.00
C VAL A 181 -9.62 16.12 3.04
N SER A 182 -10.14 17.30 2.69
CA SER A 182 -10.40 18.38 3.65
C SER A 182 -11.53 18.06 4.64
N GLN A 183 -12.29 17.01 4.34
CA GLN A 183 -13.46 16.60 5.11
C GLN A 183 -13.28 15.14 5.52
N THR A 184 -13.85 14.75 6.66
CA THR A 184 -13.68 13.38 7.18
C THR A 184 -14.47 12.36 6.35
N GLY A 185 -14.12 11.09 6.52
CA GLY A 185 -14.89 9.98 5.96
C GLY A 185 -14.25 9.22 4.81
N LEU A 186 -13.03 9.60 4.40
CA LEU A 186 -12.31 8.94 3.32
C LEU A 186 -10.98 8.34 3.81
N ARG A 187 -10.69 7.11 3.37
CA ARG A 187 -9.38 6.48 3.58
C ARG A 187 -8.93 5.79 2.30
N GLN A 188 -7.65 5.92 1.94
CA GLN A 188 -7.12 5.24 0.75
C GLN A 188 -7.23 3.72 0.91
N GLY A 189 -7.72 3.06 -0.15
CA GLY A 189 -7.95 1.61 -0.13
C GLY A 189 -7.07 0.85 -1.11
N SER A 190 -6.25 -0.07 -0.58
CA SER A 190 -5.33 -0.86 -1.40
C SER A 190 -5.91 -2.20 -1.88
N LEU A 191 -7.12 -2.56 -1.42
CA LEU A 191 -7.76 -3.83 -1.82
C LEU A 191 -8.80 -3.60 -2.90
N SER A 192 -8.56 -4.18 -4.08
CA SER A 192 -9.56 -4.17 -5.16
C SER A 192 -10.81 -4.92 -4.70
N LYS A 193 -11.92 -4.65 -5.36
CA LYS A 193 -13.16 -5.42 -5.13
C LYS A 193 -12.90 -6.91 -5.34
N ALA A 194 -12.11 -7.25 -6.37
CA ALA A 194 -11.72 -8.64 -6.63
C ALA A 194 -10.89 -9.26 -5.50
N ALA A 195 -9.92 -8.52 -4.97
CA ALA A 195 -9.11 -9.02 -3.84
C ALA A 195 -10.00 -9.39 -2.65
N ARG A 196 -10.96 -8.52 -2.34
CA ARG A 196 -11.91 -8.80 -1.26
C ARG A 196 -12.82 -10.00 -1.57
N GLY A 197 -13.28 -10.09 -2.81
CA GLY A 197 -14.06 -11.24 -3.28
C GLY A 197 -13.32 -12.58 -3.16
N TYR A 198 -12.04 -12.59 -3.55
CA TYR A 198 -11.18 -13.78 -3.39
C TYR A 198 -11.05 -14.19 -1.93
N HIS A 199 -10.88 -13.21 -1.04
CA HIS A 199 -10.74 -13.47 0.39
C HIS A 199 -12.01 -14.05 1.00
N LEU A 200 -13.17 -13.48 0.65
CA LEU A 200 -14.47 -14.02 1.06
C LEU A 200 -14.68 -15.46 0.61
N ALA A 201 -14.25 -15.75 -0.61
CA ALA A 201 -14.37 -17.10 -1.17
C ALA A 201 -13.51 -18.17 -0.46
N GLN A 202 -12.50 -17.74 0.30
CA GLN A 202 -11.74 -18.64 1.18
C GLN A 202 -12.36 -18.77 2.59
N GLY A 203 -13.59 -18.30 2.78
CA GLY A 203 -14.24 -18.35 4.09
C GLY A 203 -13.98 -17.14 4.95
N ASN A 204 -13.48 -16.06 4.34
CA ASN A 204 -13.24 -14.80 5.03
C ASN A 204 -12.47 -14.97 6.34
N PRO A 205 -11.29 -15.63 6.29
CA PRO A 205 -10.49 -15.76 7.51
C PRO A 205 -9.97 -14.41 7.98
N ALA A 206 -9.77 -14.26 9.29
CA ALA A 206 -9.17 -13.04 9.82
C ALA A 206 -7.76 -12.87 9.24
N ARG A 207 -7.42 -11.65 8.84
CA ARG A 207 -6.09 -11.35 8.32
C ARG A 207 -5.12 -11.24 9.49
N GLU A 208 -3.86 -11.64 9.26
CA GLU A 208 -2.84 -11.60 10.30
C GLU A 208 -1.88 -10.45 10.09
N ILE A 209 -1.39 -9.90 11.20
CA ILE A 209 -0.33 -8.90 11.18
C ILE A 209 0.90 -9.48 10.45
N LYS A 210 1.44 -8.69 9.51
CA LYS A 210 2.66 -8.98 8.77
C LYS A 210 3.85 -8.13 9.25
N PRO A 211 4.72 -8.70 10.10
CA PRO A 211 5.93 -7.97 10.47
C PRO A 211 6.81 -7.65 9.26
N THR A 212 7.41 -6.47 9.26
CA THR A 212 8.27 -6.07 8.17
C THR A 212 9.51 -6.95 8.15
N THR A 213 9.86 -7.46 6.96
CA THR A 213 11.05 -8.27 6.74
C THR A 213 11.98 -7.52 5.80
N ILE A 214 13.17 -8.08 5.57
CA ILE A 214 14.22 -7.38 4.82
C ILE A 214 13.76 -7.05 3.41
N LEU A 215 14.01 -5.81 2.99
CA LEU A 215 13.69 -5.35 1.64
C LEU A 215 14.67 -5.92 0.63
N HIS A 216 14.17 -6.59 -0.39
CA HIS A 216 15.00 -7.16 -1.46
C HIS A 216 14.80 -6.38 -2.76
N VAL A 217 15.82 -5.61 -3.11
CA VAL A 217 15.84 -4.76 -4.29
C VAL A 217 16.66 -5.46 -5.37
N ALA A 218 16.28 -5.27 -6.64
CA ALA A 218 16.94 -5.91 -7.78
C ALA A 218 18.46 -5.71 -7.80
N ALA A 219 19.16 -6.73 -8.28
CA ALA A 219 20.58 -6.60 -8.60
C ALA A 219 20.72 -5.50 -9.66
N LYS A 220 21.78 -4.70 -9.53
CA LYS A 220 22.07 -3.56 -10.42
C LYS A 220 21.23 -2.31 -10.14
N ALA A 221 20.33 -2.34 -9.14
CA ALA A 221 19.50 -1.18 -8.86
C ALA A 221 20.35 -0.01 -8.38
N ASP A 222 20.01 1.20 -8.79
CA ASP A 222 20.66 2.38 -8.23
C ASP A 222 20.00 2.78 -6.91
N VAL A 223 20.59 3.75 -6.23
CA VAL A 223 20.10 4.18 -4.93
C VAL A 223 18.66 4.72 -5.01
N GLU A 224 18.34 5.42 -6.10
CA GLU A 224 16.99 5.95 -6.32
C GLU A 224 15.93 4.83 -6.36
N GLN A 225 16.27 3.73 -7.05
CA GLN A 225 15.42 2.53 -7.07
C GLN A 225 15.27 1.91 -5.66
N GLY A 226 16.35 1.91 -4.89
CA GLY A 226 16.29 1.48 -3.49
C GLY A 226 15.37 2.36 -2.65
N LEU A 227 15.51 3.67 -2.83
CA LEU A 227 14.65 4.66 -2.14
C LEU A 227 13.18 4.43 -2.47
N GLU A 228 12.87 4.32 -3.77
CA GLU A 228 11.49 4.04 -4.21
C GLU A 228 10.91 2.77 -3.59
N ALA A 229 11.70 1.69 -3.61
CA ALA A 229 11.29 0.42 -2.99
C ALA A 229 11.05 0.56 -1.48
N ALA A 230 11.93 1.31 -0.80
CA ALA A 230 11.80 1.54 0.64
C ALA A 230 10.50 2.26 0.99
N PHE A 231 10.20 3.36 0.28
CA PHE A 231 8.96 4.12 0.52
C PHE A 231 7.70 3.35 0.09
N GLU A 232 7.79 2.58 -1.00
CA GLU A 232 6.72 1.65 -1.43
CA GLU A 232 6.69 1.69 -1.41
C GLU A 232 6.38 0.66 -0.31
N LEU A 233 7.43 0.08 0.28
CA LEU A 233 7.25 -0.88 1.39
C LEU A 233 6.58 -0.24 2.61
N ALA A 234 7.06 0.94 3.02
CA ALA A 234 6.54 1.63 4.20
C ALA A 234 5.06 2.01 4.02
N LEU A 235 4.72 2.54 2.85
CA LEU A 235 3.34 2.88 2.52
C LEU A 235 2.45 1.61 2.48
N ALA A 236 2.95 0.55 1.86
CA ALA A 236 2.22 -0.73 1.81
C ALA A 236 1.96 -1.31 3.20
N GLN A 237 2.96 -1.23 4.09
CA GLN A 237 2.79 -1.70 5.47
C GLN A 237 1.80 -0.83 6.26
N TRP A 238 1.81 0.47 6.02
CA TRP A 238 0.84 1.38 6.63
C TRP A 238 -0.58 1.02 6.15
N GLN A 239 -0.76 0.89 4.84
CA GLN A 239 -2.06 0.51 4.27
C GLN A 239 -2.58 -0.81 4.84
N TYR A 240 -1.73 -1.83 4.79
CA TYR A 240 -2.15 -3.18 5.21
C TYR A 240 -2.63 -3.16 6.67
N HIS A 241 -1.85 -2.57 7.56
CA HIS A 241 -2.19 -2.59 8.98
C HIS A 241 -3.32 -1.65 9.37
N GLU A 242 -3.49 -0.56 8.63
CA GLU A 242 -4.65 0.31 8.80
C GLU A 242 -5.96 -0.42 8.46
N GLU A 243 -5.94 -1.18 7.37
CA GLU A 243 -7.07 -2.03 6.97
C GLU A 243 -7.43 -3.03 8.07
N LEU A 244 -6.42 -3.70 8.63
CA LEU A 244 -6.65 -4.66 9.73
C LEU A 244 -7.19 -3.96 10.98
N TRP A 245 -6.62 -2.80 11.30
CA TRP A 245 -7.02 -2.03 12.48
C TRP A 245 -8.48 -1.59 12.40
N VAL A 246 -8.88 -0.98 11.29
CA VAL A 246 -10.26 -0.51 11.14
C VAL A 246 -11.27 -1.67 11.06
N ARG A 247 -10.81 -2.84 10.62
CA ARG A 247 -11.65 -4.06 10.63
C ARG A 247 -11.77 -4.76 12.01
N GLY A 248 -11.05 -4.27 13.02
CA GLY A 248 -11.22 -4.73 14.41
C GLY A 248 -10.02 -5.35 15.12
N ASN A 249 -8.85 -5.38 14.47
CA ASN A 249 -7.63 -5.88 15.07
C ASN A 249 -6.93 -4.76 15.84
N ASP A 250 -7.10 -4.73 17.17
CA ASP A 250 -6.51 -3.66 17.99
C ASP A 250 -4.97 -3.67 18.01
N ALA A 251 -4.38 -4.87 17.91
CA ALA A 251 -2.91 -5.01 17.86
C ALA A 251 -2.27 -4.37 16.62
N ALA A 252 -3.05 -4.24 15.54
CA ALA A 252 -2.55 -3.63 14.31
C ALA A 252 -2.23 -2.12 14.45
N LYS A 253 -2.82 -1.45 15.43
CA LYS A 253 -2.53 -0.03 15.71
C LYS A 253 -1.03 0.24 15.88
N GLU A 254 -0.39 -0.56 16.71
CA GLU A 254 1.07 -0.52 16.91
C GLU A 254 1.82 -0.58 15.57
N GLN A 255 1.35 -1.42 14.66
CA GLN A 255 2.01 -1.62 13.37
C GLN A 255 1.75 -0.49 12.38
N VAL A 256 0.61 0.20 12.50
CA VAL A 256 0.37 1.44 11.77
C VAL A 256 1.43 2.48 12.18
N LEU A 257 1.60 2.67 13.48
CA LEU A 257 2.62 3.59 13.99
C LEU A 257 4.04 3.18 13.59
N ALA A 258 4.32 1.87 13.60
CA ALA A 258 5.64 1.37 13.17
C ALA A 258 5.91 1.66 11.69
N ALA A 259 4.89 1.51 10.84
CA ALA A 259 5.02 1.84 9.42
C ALA A 259 5.29 3.34 9.19
N ILE A 260 4.62 4.20 9.94
CA ILE A 260 4.87 5.65 9.86
C ILE A 260 6.29 5.97 10.34
N GLY A 261 6.73 5.28 11.40
CA GLY A 261 8.12 5.34 11.84
C GLY A 261 9.11 4.93 10.76
N LEU A 262 8.78 3.87 10.02
CA LEU A 262 9.62 3.44 8.89
C LEU A 262 9.74 4.52 7.80
N VAL A 263 8.65 5.25 7.54
CA VAL A 263 8.70 6.39 6.59
C VAL A 263 9.73 7.41 7.08
N ARG A 264 9.65 7.77 8.36
CA ARG A 264 10.59 8.73 8.95
C ARG A 264 12.03 8.23 8.86
N HIS A 265 12.23 6.95 9.17
CA HIS A 265 13.58 6.37 9.17
C HIS A 265 14.17 6.26 7.76
N ALA A 266 13.32 6.02 6.76
CA ALA A 266 13.75 6.04 5.36
C ALA A 266 14.18 7.45 4.94
N LEU A 267 13.42 8.46 5.34
CA LEU A 267 13.82 9.86 5.07
C LEU A 267 15.19 10.19 5.69
N MET A 268 15.44 9.71 6.90
CA MET A 268 16.75 9.88 7.55
C MET A 268 17.85 9.11 6.81
N LEU A 269 17.59 7.86 6.46
CA LEU A 269 18.56 7.01 5.77
C LEU A 269 19.09 7.64 4.48
N PHE A 270 18.19 8.17 3.67
CA PHE A 270 18.56 8.82 2.41
C PHE A 270 18.80 10.34 2.55
N GLY A 271 18.91 10.83 3.78
CA GLY A 271 19.09 12.26 4.07
C GLY A 271 20.39 12.89 3.64
N GLY A 272 21.42 12.07 3.39
CA GLY A 272 22.68 12.54 2.80
C GLY A 272 22.56 12.91 1.33
N ILE A 273 21.49 12.44 0.67
CA ILE A 273 21.21 12.68 -0.74
C ILE A 273 19.99 13.59 -0.91
N VAL A 274 18.85 13.21 -0.29
CA VAL A 274 17.61 13.97 -0.37
C VAL A 274 17.58 14.95 0.81
N PRO A 275 17.66 16.28 0.54
CA PRO A 275 17.70 17.24 1.65
C PRO A 275 16.47 17.22 2.53
N ARG A 276 16.66 17.60 3.79
CA ARG A 276 15.56 17.64 4.78
C ARG A 276 14.38 18.49 4.31
N LYS A 277 14.66 19.61 3.64
CA LYS A 277 13.60 20.51 3.15
C LYS A 277 12.69 19.90 2.06
N ALA A 278 13.12 18.81 1.42
CA ALA A 278 12.26 18.06 0.50
C ALA A 278 11.03 17.42 1.16
N SER A 279 11.04 17.27 2.49
CA SER A 279 9.95 16.58 3.19
C SER A 279 9.39 17.34 4.41
N THR A 280 9.56 18.67 4.45
CA THR A 280 9.12 19.48 5.60
C THR A 280 7.62 19.32 5.90
N HIS A 281 6.80 19.57 4.89
CA HIS A 281 5.34 19.48 5.02
C HIS A 281 4.87 18.05 5.29
N LEU A 282 5.45 17.08 4.59
CA LEU A 282 5.17 15.65 4.81
C LEU A 282 5.39 15.26 6.27
N ARG A 283 6.55 15.60 6.81
CA ARG A 283 6.88 15.25 8.19
C ARG A 283 5.97 15.95 9.21
N ASP A 284 5.57 17.19 8.93
CA ASP A 284 4.59 17.91 9.76
C ASP A 284 3.25 17.18 9.82
N LEU A 285 2.77 16.77 8.64
CA LEU A 285 1.52 16.02 8.56
C LEU A 285 1.62 14.67 9.27
N LEU A 286 2.76 13.99 9.14
CA LEU A 286 2.96 12.71 9.85
C LEU A 286 2.88 12.87 11.37
N THR A 287 3.44 13.98 11.89
CA THR A 287 3.39 14.28 13.32
C THR A 287 1.96 14.42 13.84
N GLN A 288 1.13 15.15 13.11
CA GLN A 288 -0.28 15.35 13.49
C GLN A 288 -1.09 14.05 13.39
N CYS A 289 -0.76 13.22 12.40
CA CYS A 289 -1.40 11.91 12.24
C CYS A 289 -1.07 10.99 13.43
N GLU A 290 0.23 10.91 13.77
CA GLU A 290 0.69 10.13 14.93
C GLU A 290 0.01 10.55 16.23
N ALA A 291 -0.13 11.86 16.44
CA ALA A 291 -0.83 12.39 17.63
C ALA A 291 -2.29 11.96 17.66
N THR A 292 -2.98 12.11 16.53
CA THR A 292 -4.37 11.67 16.40
C THR A 292 -4.53 10.16 16.70
N ILE A 293 -3.64 9.35 16.15
CA ILE A 293 -3.66 7.89 16.38
C ILE A 293 -3.46 7.58 17.87
N ALA A 294 -2.45 8.18 18.47
CA ALA A 294 -2.11 7.96 19.89
C ALA A 294 -3.27 8.23 20.85
N SER A 295 -3.97 9.35 20.64
CA SER A 295 -5.06 9.78 21.53
C SER A 295 -6.45 9.27 21.14
N ALA A 296 -6.56 8.49 20.06
CA ALA A 296 -7.86 8.07 19.53
C ALA A 296 -8.60 7.10 20.45
N VAL A 297 -9.89 7.35 20.65
CA VAL A 297 -10.78 6.39 21.33
C VAL A 297 -11.30 5.32 20.36
N SER A 298 -11.27 5.61 19.07
CA SER A 298 -11.85 4.74 18.04
C SER A 298 -10.92 4.64 16.82
N ALA A 299 -10.67 3.42 16.35
CA ALA A 299 -9.95 3.19 15.10
C ALA A 299 -10.65 3.87 13.92
N VAL A 300 -11.98 3.71 13.85
CA VAL A 300 -12.78 4.35 12.81
C VAL A 300 -12.53 5.87 12.78
N THR A 301 -12.64 6.52 13.93
CA THR A 301 -12.43 7.97 14.01
C THR A 301 -11.00 8.35 13.61
N ALA A 302 -10.02 7.63 14.14
CA ALA A 302 -8.60 7.90 13.83
C ALA A 302 -8.28 7.76 12.34
N VAL A 303 -8.73 6.65 11.76
CA VAL A 303 -8.40 6.31 10.37
C VAL A 303 -9.08 7.22 9.37
N TYR A 304 -10.33 7.61 9.63
CA TYR A 304 -11.09 8.48 8.73
C TYR A 304 -10.86 9.98 9.00
N SER A 305 -10.02 10.31 9.97
CA SER A 305 -9.73 11.71 10.30
C SER A 305 -9.02 12.42 9.16
N THR A 306 -9.12 13.75 9.15
N THR A 306 -9.16 13.75 9.18
CA THR A 306 -8.40 14.54 8.16
CA THR A 306 -8.44 14.65 8.28
C THR A 306 -6.89 14.54 8.40
C THR A 306 -6.92 14.53 8.42
N GLU A 307 -6.47 14.34 9.66
CA GLU A 307 -5.03 14.21 9.98
C GLU A 307 -4.41 12.99 9.30
N THR A 308 -5.08 11.85 9.43
CA THR A 308 -4.65 10.63 8.75
C THR A 308 -4.74 10.78 7.23
N ALA A 309 -5.90 11.25 6.76
CA ALA A 309 -6.16 11.38 5.32
C ALA A 309 -5.14 12.28 4.62
N MET A 310 -4.87 13.44 5.21
CA MET A 310 -3.91 14.38 4.62
C MET A 310 -2.48 13.83 4.66
N ALA A 311 -2.09 13.20 5.77
CA ALA A 311 -0.75 12.61 5.88
C ALA A 311 -0.52 11.50 4.86
N LYS A 312 -1.50 10.60 4.72
CA LYS A 312 -1.42 9.52 3.76
C LYS A 312 -1.33 10.00 2.30
N LEU A 313 -2.17 10.98 1.95
CA LEU A 313 -2.17 11.53 0.59
C LEU A 313 -0.85 12.25 0.29
N ALA A 314 -0.33 12.97 1.29
CA ALA A 314 0.98 13.61 1.17
C ALA A 314 2.08 12.59 0.84
N LEU A 315 2.08 11.45 1.52
CA LEU A 315 3.07 10.41 1.24
C LEU A 315 2.87 9.80 -0.16
N THR A 316 1.62 9.49 -0.53
CA THR A 316 1.32 8.92 -1.84
C THR A 316 1.78 9.86 -2.95
N GLU A 317 1.44 11.14 -2.83
CA GLU A 317 1.84 12.14 -3.81
C GLU A 317 3.36 12.31 -3.90
N TRP A 318 4.01 12.41 -2.74
CA TRP A 318 5.47 12.55 -2.66
C TRP A 318 6.18 11.40 -3.40
N LEU A 319 5.70 10.18 -3.17
CA LEU A 319 6.27 8.98 -3.80
C LEU A 319 5.97 8.90 -5.30
N VAL A 320 4.70 9.00 -5.66
CA VAL A 320 4.28 8.84 -7.06
C VAL A 320 4.85 9.95 -7.97
N SER A 321 4.87 11.18 -7.47
CA SER A 321 5.44 12.32 -8.21
C SER A 321 6.97 12.41 -8.17
N LYS A 322 7.62 11.56 -7.36
CA LYS A 322 9.08 11.59 -7.18
C LYS A 322 9.54 13.00 -6.78
N ALA A 323 8.92 13.51 -5.73
CA ALA A 323 9.04 14.91 -5.32
C ALA A 323 10.44 15.30 -4.83
N TRP A 324 11.27 14.31 -4.49
CA TRP A 324 12.69 14.52 -4.18
C TRP A 324 13.53 15.05 -5.36
N GLN A 325 13.14 14.73 -6.59
CA GLN A 325 14.01 14.92 -7.74
C GLN A 325 14.48 16.37 -7.99
N PRO A 326 13.55 17.35 -7.97
CA PRO A 326 13.98 18.75 -8.18
C PRO A 326 14.88 19.34 -7.08
N PHE A 327 14.91 18.72 -5.90
CA PHE A 327 15.79 19.14 -4.81
C PHE A 327 17.26 18.67 -4.94
N LEU A 328 17.54 17.80 -5.91
CA LEU A 328 18.88 17.18 -6.03
C LEU A 328 19.85 18.04 -6.83
N ASP A 329 20.93 18.50 -6.19
CA ASP A 329 22.03 19.13 -6.91
C ASP A 329 22.88 18.06 -7.62
N ALA A 330 23.90 18.48 -8.36
CA ALA A 330 24.69 17.56 -9.18
C ALA A 330 25.30 16.41 -8.36
N LYS A 331 25.90 16.75 -7.22
CA LYS A 331 26.48 15.75 -6.32
C LYS A 331 25.45 14.72 -5.87
N ALA A 332 24.30 15.20 -5.43
CA ALA A 332 23.18 14.32 -5.01
C ALA A 332 22.69 13.43 -6.15
N GLN A 333 22.56 13.99 -7.36
CA GLN A 333 22.18 13.22 -8.55
C GLN A 333 23.19 12.10 -8.85
N GLY A 334 24.48 12.43 -8.74
CA GLY A 334 25.54 11.43 -8.91
C GLY A 334 25.43 10.28 -7.92
N LYS A 335 25.23 10.62 -6.65
CA LYS A 335 25.10 9.61 -5.59
C LYS A 335 23.82 8.79 -5.72
N ILE A 336 22.71 9.42 -6.11
CA ILE A 336 21.43 8.68 -6.25
C ILE A 336 21.42 7.73 -7.46
N SER A 337 22.27 8.02 -8.45
CA SER A 337 22.41 7.19 -9.67
C SER A 337 23.47 6.09 -9.55
N ASP A 338 24.17 6.01 -8.41
CA ASP A 338 25.16 4.96 -8.16
C ASP A 338 24.50 3.71 -7.55
N SER A 339 25.30 2.65 -7.38
CA SER A 339 24.85 1.33 -6.88
C SER A 339 24.19 1.35 -5.49
N PHE A 340 22.97 0.86 -5.40
CA PHE A 340 22.32 0.68 -4.10
C PHE A 340 23.08 -0.35 -3.23
N LYS A 341 23.61 -1.40 -3.84
CA LYS A 341 24.37 -2.43 -3.09
C LYS A 341 25.57 -1.81 -2.37
N ARG A 342 26.32 -0.96 -3.07
CA ARG A 342 27.49 -0.33 -2.47
C ARG A 342 27.11 0.69 -1.38
N PHE A 343 26.07 1.49 -1.65
CA PHE A 343 25.48 2.40 -0.66
C PHE A 343 25.06 1.64 0.61
N ALA A 344 24.44 0.50 0.43
CA ALA A 344 23.94 -0.29 1.55
C ALA A 344 25.05 -0.82 2.46
N ASP A 345 26.16 -1.27 1.87
CA ASP A 345 27.30 -1.73 2.66
C ASP A 345 27.84 -0.65 3.58
N ILE A 346 27.91 0.58 3.08
CA ILE A 346 28.39 1.71 3.89
C ILE A 346 27.46 1.98 5.07
N HIS A 347 26.16 2.04 4.79
CA HIS A 347 25.18 2.40 5.81
C HIS A 347 24.89 1.28 6.81
N LEU A 348 25.04 0.02 6.41
CA LEU A 348 24.99 -1.09 7.37
C LEU A 348 26.04 -0.91 8.48
N SER A 349 27.27 -0.56 8.10
CA SER A 349 28.33 -0.29 9.07
C SER A 349 28.01 0.91 9.97
N ARG A 350 27.44 1.96 9.40
CA ARG A 350 27.06 3.13 10.20
C ARG A 350 26.04 2.79 11.28
N HIS A 351 25.02 2.01 10.91
CA HIS A 351 23.98 1.64 11.88
C HIS A 351 24.46 0.58 12.89
N ALA A 352 25.35 -0.30 12.47
CA ALA A 352 25.99 -1.28 13.37
C ALA A 352 26.85 -0.60 14.43
N ALA A 353 27.55 0.46 14.03
CA ALA A 353 28.34 1.27 14.98
C ALA A 353 27.47 1.90 16.06
N GLU A 354 26.30 2.41 15.67
CA GLU A 354 25.33 3.01 16.62
C GLU A 354 24.81 1.97 17.61
N LEU A 355 24.41 0.81 17.09
CA LEU A 355 23.90 -0.28 17.94
C LEU A 355 24.96 -0.78 18.93
N LYS A 356 26.19 -0.95 18.45
CA LYS A 356 27.30 -1.40 19.29
C LYS A 356 27.61 -0.41 20.40
N SER A 357 27.71 0.87 20.07
CA SER A 357 28.07 1.88 21.06
C SER A 357 26.99 2.02 22.14
N VAL A 358 25.71 1.95 21.75
CA VAL A 358 24.61 2.13 22.70
C VAL A 358 24.43 0.91 23.63
N PHE A 359 24.51 -0.29 23.08
CA PHE A 359 24.12 -1.51 23.81
C PHE A 359 25.27 -2.43 24.24
N CYS A 360 26.51 -1.93 24.18
CA CYS A 360 27.68 -2.74 24.61
C CYS A 360 27.69 -3.01 26.11
N GLN A 361 27.00 -2.18 26.89
CA GLN A 361 26.91 -2.33 28.35
C GLN A 361 25.45 -2.46 28.77
N PRO A 362 25.19 -3.08 29.94
CA PRO A 362 23.81 -3.10 30.46
C PRO A 362 23.37 -1.71 30.92
N LEU A 363 22.10 -1.38 30.68
CA LEU A 363 21.57 -0.02 30.89
C LEU A 363 20.59 0.11 32.05
N GLY A 364 20.38 -0.95 32.84
CA GLY A 364 19.53 -0.89 34.04
C GLY A 364 18.11 -0.40 33.79
N ASP A 365 17.77 0.76 34.35
CA ASP A 365 16.41 1.35 34.22
C ASP A 365 16.26 2.28 33.00
N ARG A 366 17.30 2.42 32.19
CA ARG A 366 17.34 3.39 31.09
C ARG A 366 17.24 2.76 29.68
N TYR A 367 16.79 1.50 29.58
CA TYR A 367 16.61 0.85 28.28
C TYR A 367 15.52 1.53 27.46
N HIS A 368 14.40 1.84 28.10
CA HIS A 368 13.22 2.36 27.39
C HIS A 368 13.48 3.70 26.66
N ASP A 369 14.36 4.53 27.21
CA ASP A 369 14.79 5.77 26.53
C ASP A 369 15.56 5.56 25.22
N GLN A 370 16.18 4.39 25.06
CA GLN A 370 16.91 4.04 23.83
C GLN A 370 16.03 3.40 22.73
N LEU A 371 14.75 3.18 23.00
CA LEU A 371 13.86 2.52 22.02
C LEU A 371 13.84 3.21 20.65
N PRO A 372 13.69 4.56 20.62
CA PRO A 372 13.68 5.24 19.32
C PRO A 372 14.93 5.02 18.47
N ARG A 373 16.10 5.10 19.11
CA ARG A 373 17.39 4.84 18.45
C ARG A 373 17.47 3.39 17.93
N LEU A 374 17.14 2.44 18.82
CA LEU A 374 17.15 1.01 18.46
C LEU A 374 16.21 0.72 17.29
N THR A 375 14.99 1.27 17.35
CA THR A 375 14.00 1.10 16.31
C THR A 375 14.45 1.71 14.97
N ARG A 376 15.06 2.90 15.02
CA ARG A 376 15.62 3.51 13.82
C ARG A 376 16.65 2.62 13.15
N ASP A 377 17.54 2.03 13.95
CA ASP A 377 18.63 1.21 13.41
C ASP A 377 18.12 -0.12 12.83
N ILE A 378 17.15 -0.75 13.51
CA ILE A 378 16.52 -1.96 12.98
C ILE A 378 15.82 -1.67 11.65
N ASP A 379 15.00 -0.61 11.63
CA ASP A 379 14.30 -0.20 10.40
C ASP A 379 15.28 0.06 9.25
N SER A 380 16.39 0.75 9.56
CA SER A 380 17.39 1.06 8.54
C SER A 380 18.03 -0.20 7.99
N ILE A 381 18.39 -1.14 8.87
CA ILE A 381 18.99 -2.39 8.44
C ILE A 381 18.01 -3.26 7.63
N LEU A 382 16.72 -3.24 7.99
CA LEU A 382 15.69 -3.90 7.17
C LEU A 382 15.69 -3.38 5.72
N LEU A 383 15.85 -2.08 5.55
CA LEU A 383 15.88 -1.48 4.22
C LEU A 383 17.18 -1.75 3.45
N LEU A 384 18.27 -2.06 4.17
CA LEU A 384 19.62 -2.15 3.60
C LEU A 384 20.18 -3.55 3.40
N ALA A 385 19.67 -4.55 4.11
CA ALA A 385 20.34 -5.85 4.20
C ALA A 385 20.02 -6.86 3.07
N GLY A 386 19.34 -6.42 2.00
CA GLY A 386 18.73 -7.33 1.02
C GLY A 386 19.61 -8.03 0.00
N TYR A 387 20.89 -7.66 -0.10
CA TYR A 387 21.81 -8.32 -1.04
C TYR A 387 22.60 -9.49 -0.44
N TYR A 388 22.32 -9.83 0.82
CA TYR A 388 22.99 -10.95 1.49
C TYR A 388 22.04 -12.13 1.69
N ASP A 389 22.61 -13.27 2.10
CA ASP A 389 21.84 -14.48 2.37
C ASP A 389 20.71 -14.16 3.36
N PRO A 390 19.43 -14.33 2.93
CA PRO A 390 18.31 -13.93 3.81
C PRO A 390 18.28 -14.64 5.17
N VAL A 391 18.69 -15.90 5.20
CA VAL A 391 18.73 -16.67 6.45
C VAL A 391 19.76 -16.06 7.42
N VAL A 392 20.95 -15.77 6.91
CA VAL A 392 22.02 -15.18 7.73
C VAL A 392 21.63 -13.76 8.20
N ALA A 393 21.12 -12.96 7.29
CA ALA A 393 20.76 -11.57 7.59
C ALA A 393 19.59 -11.45 8.59
N GLN A 394 18.53 -12.23 8.38
CA GLN A 394 17.40 -12.23 9.33
C GLN A 394 17.81 -12.77 10.72
N ALA A 395 18.70 -13.77 10.76
CA ALA A 395 19.23 -14.28 12.03
C ALA A 395 20.00 -13.21 12.81
N TRP A 396 20.77 -12.41 12.08
CA TRP A 396 21.50 -11.28 12.67
C TRP A 396 20.52 -10.26 13.26
N LEU A 397 19.53 -9.86 12.47
CA LEU A 397 18.50 -8.92 12.93
C LEU A 397 17.64 -9.46 14.06
N GLU A 398 17.38 -10.77 14.06
CA GLU A 398 16.51 -11.40 15.07
C GLU A 398 16.91 -11.06 16.51
N ASN A 399 18.21 -10.99 16.78
CA ASN A 399 18.71 -10.66 18.12
C ASN A 399 18.42 -9.22 18.52
N TRP A 400 18.59 -8.28 17.59
CA TRP A 400 18.23 -6.88 17.87
C TRP A 400 16.71 -6.70 18.00
N GLN A 401 15.95 -7.42 17.17
CA GLN A 401 14.48 -7.42 17.26
C GLN A 401 13.98 -8.03 18.57
N GLY A 402 14.63 -9.09 19.01
CA GLY A 402 14.35 -9.69 20.33
C GLY A 402 14.62 -8.72 21.46
N LEU A 403 15.72 -7.98 21.38
CA LEU A 403 16.03 -6.94 22.35
C LEU A 403 14.94 -5.85 22.36
N ARG A 404 14.57 -5.37 21.17
CA ARG A 404 13.57 -4.31 21.05
C ARG A 404 12.22 -4.73 21.66
N HIS A 405 11.76 -5.95 21.36
CA HIS A 405 10.53 -6.48 21.95
C HIS A 405 10.61 -6.50 23.49
N ALA A 406 11.69 -7.06 24.00
CA ALA A 406 11.89 -7.24 25.44
C ALA A 406 11.93 -5.88 26.17
N ILE A 407 12.58 -4.89 25.57
CA ILE A 407 12.58 -3.52 26.11
C ILE A 407 11.15 -2.98 26.12
N ALA A 408 10.43 -3.13 25.01
CA ALA A 408 9.07 -2.61 24.90
C ALA A 408 8.09 -3.22 25.91
N THR A 409 8.25 -4.51 26.20
CA THR A 409 7.36 -5.21 27.15
C THR A 409 7.94 -5.34 28.57
N GLY A 410 9.17 -4.87 28.80
CA GLY A 410 9.77 -4.85 30.14
C GLY A 410 10.26 -6.18 30.67
N GLN A 411 10.67 -7.08 29.77
CA GLN A 411 11.18 -8.40 30.17
C GLN A 411 12.67 -8.32 30.51
N ARG A 412 12.98 -8.23 31.80
CA ARG A 412 14.36 -7.99 32.26
C ARG A 412 15.33 -9.10 31.84
N ILE A 413 14.92 -10.34 32.03
CA ILE A 413 15.76 -11.50 31.65
C ILE A 413 16.01 -11.51 30.14
N GLU A 414 14.95 -11.33 29.36
CA GLU A 414 15.07 -11.38 27.90
C GLU A 414 15.85 -10.20 27.33
N ILE A 415 15.75 -9.02 27.96
CA ILE A 415 16.57 -7.87 27.57
C ILE A 415 18.05 -8.23 27.60
N GLU A 416 18.51 -8.76 28.74
CA GLU A 416 19.92 -9.09 28.90
C GLU A 416 20.35 -10.25 28.00
N HIS A 417 19.47 -11.23 27.82
CA HIS A 417 19.74 -12.36 26.92
C HIS A 417 20.03 -11.90 25.49
N PHE A 418 19.12 -11.14 24.92
CA PHE A 418 19.26 -10.65 23.54
C PHE A 418 20.35 -9.59 23.38
N ARG A 419 20.58 -8.78 24.40
CA ARG A 419 21.69 -7.84 24.38
C ARG A 419 23.03 -8.58 24.22
N ASN A 420 23.20 -9.64 25.01
CA ASN A 420 24.38 -10.51 24.89
C ASN A 420 24.51 -11.22 23.55
N GLU A 421 23.41 -11.78 23.06
CA GLU A 421 23.41 -12.46 21.76
C GLU A 421 23.76 -11.49 20.62
N ALA A 422 23.21 -10.29 20.67
CA ALA A 422 23.51 -9.24 19.70
C ALA A 422 24.97 -8.76 19.75
N ASN A 423 25.57 -8.71 20.94
CA ASN A 423 26.97 -8.32 21.09
C ASN A 423 27.98 -9.43 20.76
N ASN A 424 27.54 -10.69 20.79
CA ASN A 424 28.42 -11.83 20.46
C ASN A 424 28.47 -12.18 18.96
N GLN A 425 27.46 -11.79 18.19
CA GLN A 425 27.42 -12.10 16.75
C GLN A 425 28.30 -11.12 15.94
N GLU A 426 28.81 -11.58 14.81
CA GLU A 426 29.64 -10.77 13.92
C GLU A 426 28.80 -10.19 12.77
N PRO A 427 29.30 -9.15 12.09
CA PRO A 427 28.61 -8.65 10.89
C PRO A 427 28.58 -9.66 9.75
N PHE A 428 27.59 -9.55 8.88
CA PHE A 428 27.43 -10.44 7.71
C PHE A 428 27.82 -9.76 6.39
N TRP A 429 28.08 -8.46 6.40
CA TRP A 429 28.25 -7.67 5.17
C TRP A 429 29.73 -7.37 4.87
N LEU A 430 29.99 -6.91 3.66
CA LEU A 430 31.35 -6.74 3.14
C LEU A 430 32.05 -5.50 3.70
MG MG B . -12.57 0.26 -9.79
MG MG C . -12.25 1.88 -13.03
PG 3PO D . -11.88 -2.62 -8.71
O1G 3PO D . -11.58 -1.31 -9.39
O2G 3PO D . -11.90 -2.53 -7.21
O3G 3PO D . -11.04 -3.75 -9.24
PB 3PO D . -14.41 -2.05 -9.89
O1B 3PO D . -14.39 -0.64 -9.34
O2B 3PO D . -15.76 -2.73 -9.96
O3B 3PO D . -13.40 -3.01 -9.09
PA 3PO D . -13.79 -0.86 -12.36
O1A 3PO D . -15.24 -0.48 -12.56
O2A 3PO D . -13.16 -1.48 -13.57
O3A 3PO D . -13.77 -2.11 -11.36
O5' 3PO D . -12.94 0.17 -11.65
C1 EDO E . 5.52 -6.11 21.11
O1 EDO E . 6.59 -6.53 20.26
C2 EDO E . 5.96 -4.89 21.92
O2 EDO E . 6.41 -3.87 21.03
C1 EDO F . 24.35 6.77 11.26
O1 EDO F . 24.26 6.86 9.83
C2 EDO F . 22.97 6.88 11.87
O2 EDO F . 22.78 8.20 12.39
#